data_7CV4
#
_entry.id   7CV4
#
_entity_poly.entity_id   1
_entity_poly.type   'polydeoxyribonucleotide'
_entity_poly.pdbx_seq_one_letter_code
;(DG)(DG)(DG)(DA)(DG)(DG)(DG)(DC)(DG)(DC)(DG)(DC)(DC)(DA)(DG)(DC)(DG)(DG)(DG)(DG)
(DT)(DC)(DG)(DG)(DG)(DC)
;
_entity_poly.pdbx_strand_id   A
#